data_2VP3
#
_entry.id   2VP3
#
_cell.length_a   84.600
_cell.length_b   67.300
_cell.length_c   79.600
_cell.angle_alpha   90.00
_cell.angle_beta   117.30
_cell.angle_gamma   90.00
#
_symmetry.space_group_name_H-M   'C 1 2 1'
#
loop_
_entity.id
_entity.type
_entity.pdbx_description
1 polymer VP39
2 non-polymer S-ADENOSYL-L-HOMOCYSTEINE
3 non-polymer "7N-METHYL-8-HYDROGUANOSINE-5'-DIPHOSPHATE"
4 water water
#
_entity_poly.entity_id   1
_entity_poly.type   'polypeptide(L)'
_entity_poly.pdbx_seq_one_letter_code
;GSPGISGGGGGILDSMDVVSLDKPFMYFEEIDNELDYEPESANEVAKKLPYQGQLKLLLGELFFLSKLQRHGILDGATVV
YIGSAPGTHIRYLRDHFYNLGVIIKWMLIDGRHHDPILNGLRDVTLVTRFVDEEYLRSIKKQLHPSKIILISDVRSKRGG
NEPSTADLLSNYALQNVMISILNPVASSLKWRCPFPDQWIKDFYIPHGNKMLQPFAPSYSAEMRLLSIYTGENMRLTRVT
KSDAVNYEKKMYYLNKIVRNKVVVNFDYPNQEYDYFHMYFMLRTVYCNKTFPTTKAKVLFLQQSIFRFLNIPTTSTEKVS
HE
;
_entity_poly.pdbx_strand_id   A
#
loop_
_chem_comp.id
_chem_comp.type
_chem_comp.name
_chem_comp.formula
M7G non-polymer 7N-METHYL-8-HYDROGUANOSINE-5'-DIPHOSPHATE 'C11 H18 N5 O11 P2 1'
#
# COMPACT_ATOMS: atom_id res chain seq x y z
N MET A 16 9.21 -25.92 15.31
CA MET A 16 8.53 -24.63 15.00
C MET A 16 9.54 -23.48 15.10
N ASP A 17 9.34 -22.45 14.27
CA ASP A 17 10.25 -21.29 14.16
C ASP A 17 9.93 -20.10 15.09
N VAL A 18 10.17 -20.28 16.38
CA VAL A 18 9.84 -19.26 17.39
C VAL A 18 10.81 -18.10 17.71
N VAL A 19 10.26 -16.97 18.11
CA VAL A 19 11.05 -15.79 18.44
C VAL A 19 10.21 -14.75 19.22
N SER A 20 10.90 -13.84 19.90
CA SER A 20 10.27 -12.77 20.65
C SER A 20 10.72 -11.47 19.99
N LEU A 21 9.75 -10.63 19.68
CA LEU A 21 10.02 -9.36 19.02
C LEU A 21 9.28 -8.28 19.75
N ASP A 22 9.88 -7.09 19.79
CA ASP A 22 9.26 -5.94 20.41
C ASP A 22 8.23 -5.45 19.40
N LYS A 23 8.74 -4.95 18.28
CA LYS A 23 7.91 -4.42 17.22
C LYS A 23 8.30 -5.08 15.90
N PRO A 24 7.48 -4.90 14.85
CA PRO A 24 7.85 -5.50 13.56
C PRO A 24 8.56 -4.42 12.72
N PHE A 25 9.11 -4.80 11.58
CA PHE A 25 9.75 -3.81 10.70
C PHE A 25 8.58 -3.14 10.00
N MET A 26 8.41 -1.85 10.23
CA MET A 26 7.34 -1.10 9.62
C MET A 26 7.78 -0.48 8.31
N TYR A 27 9.04 -0.06 8.26
CA TYR A 27 9.61 0.60 7.08
C TYR A 27 10.90 -0.08 6.56
N PHE A 28 11.18 0.10 5.27
CA PHE A 28 12.37 -0.52 4.63
C PHE A 28 13.67 -0.33 5.41
N GLU A 29 13.91 0.91 5.81
CA GLU A 29 15.11 1.29 6.54
C GLU A 29 15.31 0.59 7.86
N GLU A 30 14.24 0.05 8.42
CA GLU A 30 14.37 -0.64 9.68
C GLU A 30 14.97 -2.02 9.52
N ILE A 31 14.88 -2.59 8.31
CA ILE A 31 15.44 -3.93 8.11
C ILE A 31 16.94 -3.89 8.47
N ASP A 32 17.30 -4.68 9.47
CA ASP A 32 18.65 -4.74 10.02
C ASP A 32 19.54 -5.91 9.57
N ASN A 33 19.21 -6.54 8.45
CA ASN A 33 20.04 -7.63 8.01
C ASN A 33 19.73 -7.89 6.56
N GLU A 34 20.54 -8.74 5.91
CA GLU A 34 20.33 -9.05 4.50
C GLU A 34 20.77 -10.45 4.17
N LEU A 35 20.31 -10.94 3.02
CA LEU A 35 20.59 -12.31 2.59
C LEU A 35 20.78 -12.35 1.10
N ASP A 36 21.65 -13.24 0.65
CA ASP A 36 21.89 -13.38 -0.77
C ASP A 36 20.63 -14.00 -1.34
N TYR A 37 20.04 -13.33 -2.32
CA TYR A 37 18.83 -13.80 -2.97
C TYR A 37 19.02 -15.16 -3.63
N GLU A 38 18.15 -16.11 -3.32
CA GLU A 38 18.20 -17.45 -3.88
C GLU A 38 17.08 -17.56 -4.89
N PRO A 39 17.43 -17.63 -6.18
CA PRO A 39 16.43 -17.74 -7.25
C PRO A 39 15.44 -18.88 -7.12
N GLU A 40 15.78 -19.87 -6.32
CA GLU A 40 14.92 -21.02 -6.09
C GLU A 40 13.65 -20.65 -5.29
N SER A 41 13.68 -19.46 -4.68
CA SER A 41 12.57 -18.96 -3.90
C SER A 41 11.38 -18.63 -4.80
N ALA A 42 11.67 -18.34 -6.07
CA ALA A 42 10.64 -18.01 -7.05
C ALA A 42 9.66 -19.14 -7.30
N ASN A 43 10.06 -20.35 -6.92
CA ASN A 43 9.24 -21.55 -7.10
C ASN A 43 8.46 -21.94 -5.86
N GLU A 44 8.60 -21.15 -4.81
CA GLU A 44 7.91 -21.41 -3.56
C GLU A 44 6.54 -20.75 -3.51
N VAL A 45 5.66 -21.35 -2.72
CA VAL A 45 4.28 -20.88 -2.54
C VAL A 45 4.21 -19.39 -2.20
N ALA A 46 3.68 -18.61 -3.15
CA ALA A 46 3.54 -17.16 -3.04
C ALA A 46 2.41 -16.70 -2.14
N LYS A 47 1.39 -17.53 -1.98
CA LYS A 47 0.29 -17.13 -1.14
C LYS A 47 -0.39 -18.24 -0.36
N LYS A 48 -0.72 -17.91 0.87
CA LYS A 48 -1.33 -18.83 1.79
C LYS A 48 -2.78 -18.55 2.16
N LEU A 49 -3.26 -17.34 1.84
CA LEU A 49 -4.64 -16.95 2.19
C LEU A 49 -5.42 -16.57 0.96
N PRO A 50 -6.75 -16.86 0.93
CA PRO A 50 -7.54 -16.48 -0.26
C PRO A 50 -7.69 -14.95 -0.23
N TYR A 51 -7.73 -14.34 -1.40
CA TYR A 51 -7.84 -12.89 -1.55
C TYR A 51 -6.74 -12.17 -0.77
N GLN A 52 -5.57 -12.81 -0.62
CA GLN A 52 -4.45 -12.22 0.12
C GLN A 52 -4.02 -10.87 -0.46
N GLY A 53 -4.14 -10.73 -1.78
CA GLY A 53 -3.79 -9.49 -2.45
C GLY A 53 -4.71 -8.33 -2.08
N GLN A 54 -6.00 -8.61 -1.83
CA GLN A 54 -6.91 -7.52 -1.45
C GLN A 54 -6.62 -7.14 0.00
N LEU A 55 -6.27 -8.12 0.82
CA LEU A 55 -5.92 -7.90 2.22
C LEU A 55 -4.65 -7.03 2.30
N LYS A 56 -3.65 -7.38 1.48
CA LYS A 56 -2.40 -6.64 1.42
C LYS A 56 -2.67 -5.15 1.17
N LEU A 57 -3.43 -4.86 0.11
CA LEU A 57 -3.79 -3.49 -0.27
C LEU A 57 -4.66 -2.81 0.77
N LEU A 58 -5.63 -3.53 1.33
CA LEU A 58 -6.53 -2.96 2.33
C LEU A 58 -5.77 -2.47 3.55
N LEU A 59 -4.89 -3.28 4.12
CA LEU A 59 -4.13 -2.87 5.30
C LEU A 59 -3.22 -1.68 5.00
N GLY A 60 -2.52 -1.72 3.87
CA GLY A 60 -1.63 -0.64 3.50
C GLY A 60 -2.35 0.69 3.32
N GLU A 61 -3.45 0.68 2.58
CA GLU A 61 -4.23 1.90 2.35
C GLU A 61 -4.99 2.37 3.61
N LEU A 62 -5.35 1.46 4.51
CA LEU A 62 -6.02 1.84 5.75
C LEU A 62 -4.98 2.56 6.60
N PHE A 63 -3.77 2.00 6.61
CA PHE A 63 -2.63 2.56 7.34
C PHE A 63 -2.34 3.97 6.82
N PHE A 64 -2.14 4.10 5.52
CA PHE A 64 -1.87 5.39 4.90
C PHE A 64 -2.97 6.41 5.15
N LEU A 65 -4.21 6.05 4.84
CA LEU A 65 -5.32 6.99 5.02
C LEU A 65 -5.58 7.42 6.48
N SER A 66 -5.39 6.51 7.44
CA SER A 66 -5.59 6.84 8.87
C SER A 66 -4.57 7.89 9.32
N LYS A 67 -3.38 7.84 8.72
CA LYS A 67 -2.30 8.78 8.99
C LYS A 67 -2.73 10.18 8.56
N LEU A 68 -3.26 10.29 7.34
CA LEU A 68 -3.74 11.55 6.78
C LEU A 68 -4.84 12.13 7.63
N GLN A 69 -5.69 11.26 8.19
CA GLN A 69 -6.78 11.69 9.06
C GLN A 69 -6.14 12.29 10.31
N ARG A 70 -5.15 11.60 10.84
CA ARG A 70 -4.41 12.04 12.02
C ARG A 70 -3.80 13.43 11.80
N HIS A 71 -3.33 13.68 10.58
CA HIS A 71 -2.74 14.96 10.19
C HIS A 71 -3.78 15.97 9.72
N GLY A 72 -5.04 15.54 9.75
CA GLY A 72 -6.15 16.40 9.35
C GLY A 72 -6.18 16.78 7.89
N ILE A 73 -5.70 15.91 7.02
CA ILE A 73 -5.71 16.23 5.60
C ILE A 73 -6.60 15.33 4.75
N LEU A 74 -7.31 14.43 5.39
CA LEU A 74 -8.21 13.51 4.68
C LEU A 74 -9.60 14.11 4.36
N ASP A 75 -10.25 14.64 5.39
CA ASP A 75 -11.59 15.20 5.28
C ASP A 75 -11.70 16.30 4.26
N GLY A 76 -12.53 16.06 3.25
CA GLY A 76 -12.75 17.05 2.22
C GLY A 76 -11.94 16.77 0.98
N ALA A 77 -11.14 15.72 1.01
CA ALA A 77 -10.29 15.38 -0.13
C ALA A 77 -10.98 14.46 -1.12
N THR A 78 -10.42 14.42 -2.33
CA THR A 78 -10.90 13.51 -3.35
C THR A 78 -9.78 12.48 -3.48
N VAL A 79 -10.08 11.21 -3.26
CA VAL A 79 -9.04 10.20 -3.40
C VAL A 79 -9.07 9.73 -4.85
N VAL A 80 -8.00 10.00 -5.60
CA VAL A 80 -7.90 9.55 -6.98
C VAL A 80 -7.06 8.27 -6.95
N TYR A 81 -7.69 7.13 -7.21
CA TYR A 81 -7.03 5.84 -7.19
C TYR A 81 -6.89 5.37 -8.63
N ILE A 82 -5.64 5.26 -9.10
CA ILE A 82 -5.34 4.82 -10.46
C ILE A 82 -4.81 3.41 -10.37
N GLY A 83 -5.40 2.52 -11.17
CA GLY A 83 -5.04 1.12 -11.12
C GLY A 83 -5.87 0.46 -10.01
N SER A 84 -7.11 0.92 -9.88
CA SER A 84 -8.04 0.45 -8.82
C SER A 84 -8.84 -0.86 -8.97
N ALA A 85 -9.04 -1.34 -10.20
CA ALA A 85 -9.83 -2.54 -10.47
C ALA A 85 -9.13 -3.85 -10.15
N PRO A 86 -9.88 -4.84 -9.64
CA PRO A 86 -11.32 -4.83 -9.37
C PRO A 86 -11.71 -3.92 -8.21
N GLY A 87 -10.83 -3.77 -7.23
CA GLY A 87 -11.12 -2.86 -6.13
C GLY A 87 -12.08 -3.28 -5.04
N THR A 88 -12.33 -4.58 -4.92
CA THR A 88 -13.22 -5.16 -3.91
C THR A 88 -12.91 -4.59 -2.51
N HIS A 89 -11.64 -4.61 -2.12
CA HIS A 89 -11.20 -4.10 -0.81
C HIS A 89 -11.44 -2.60 -0.63
N ILE A 90 -11.54 -1.86 -1.73
CA ILE A 90 -11.77 -0.41 -1.66
C ILE A 90 -13.15 -0.08 -1.06
N ARG A 91 -14.13 -0.98 -1.27
CA ARG A 91 -15.46 -0.81 -0.72
C ARG A 91 -15.33 -0.78 0.80
N TYR A 92 -14.51 -1.66 1.37
CA TYR A 92 -14.29 -1.63 2.82
C TYR A 92 -13.70 -0.28 3.30
N LEU A 93 -12.70 0.23 2.59
CA LEU A 93 -12.07 1.50 2.96
C LEU A 93 -13.08 2.65 2.94
N ARG A 94 -13.84 2.70 1.86
CA ARG A 94 -14.87 3.70 1.70
C ARG A 94 -15.89 3.66 2.88
N ASP A 95 -16.39 2.47 3.20
CA ASP A 95 -17.35 2.34 4.29
C ASP A 95 -16.74 2.75 5.61
N HIS A 96 -15.49 2.36 5.84
CA HIS A 96 -14.80 2.72 7.09
C HIS A 96 -14.76 4.21 7.35
N PHE A 97 -14.34 5.02 6.38
CA PHE A 97 -14.25 6.46 6.61
C PHE A 97 -15.58 7.16 6.52
N TYR A 98 -16.46 6.61 5.69
CA TYR A 98 -17.82 7.12 5.50
C TYR A 98 -18.52 7.01 6.85
N ASN A 99 -18.41 5.85 7.49
CA ASN A 99 -19.05 5.63 8.79
C ASN A 99 -18.38 6.41 9.93
N LEU A 100 -17.19 6.93 9.69
CA LEU A 100 -16.52 7.69 10.74
C LEU A 100 -16.85 9.15 10.62
N GLY A 101 -17.63 9.52 9.61
CA GLY A 101 -18.01 10.91 9.45
C GLY A 101 -17.11 11.72 8.54
N VAL A 102 -16.02 11.11 8.08
CA VAL A 102 -15.11 11.80 7.18
C VAL A 102 -15.77 11.91 5.81
N ILE A 103 -15.73 13.12 5.27
CA ILE A 103 -16.29 13.45 3.97
C ILE A 103 -15.18 13.26 2.91
N ILE A 104 -15.34 12.28 2.02
CA ILE A 104 -14.35 11.97 0.96
C ILE A 104 -15.07 11.57 -0.33
N LYS A 105 -14.49 11.93 -1.47
CA LYS A 105 -15.03 11.54 -2.76
C LYS A 105 -13.97 10.56 -3.27
N TRP A 106 -14.39 9.49 -3.92
CA TRP A 106 -13.46 8.54 -4.46
C TRP A 106 -13.64 8.57 -5.97
N MET A 107 -12.51 8.50 -6.68
CA MET A 107 -12.50 8.48 -8.14
C MET A 107 -11.56 7.34 -8.49
N LEU A 108 -12.16 6.25 -8.93
CA LEU A 108 -11.42 5.06 -9.24
C LEU A 108 -11.32 4.92 -10.75
N ILE A 109 -10.08 4.94 -11.24
CA ILE A 109 -9.79 4.86 -12.67
C ILE A 109 -8.91 3.64 -13.06
N ASP A 110 -9.36 2.88 -14.05
CA ASP A 110 -8.64 1.70 -14.48
C ASP A 110 -9.30 1.35 -15.82
N GLY A 111 -8.58 0.66 -16.69
CA GLY A 111 -9.14 0.26 -17.98
C GLY A 111 -9.99 -0.98 -17.80
N ARG A 112 -9.72 -1.71 -16.72
CA ARG A 112 -10.46 -2.92 -16.37
C ARG A 112 -11.69 -2.53 -15.54
N HIS A 113 -12.65 -3.43 -15.43
CA HIS A 113 -13.87 -3.15 -14.68
C HIS A 113 -13.80 -3.38 -13.19
N HIS A 114 -14.52 -2.53 -12.48
CA HIS A 114 -14.55 -2.60 -11.03
C HIS A 114 -15.61 -3.57 -10.52
N ASP A 115 -15.40 -4.01 -9.28
CA ASP A 115 -16.33 -4.90 -8.60
C ASP A 115 -17.67 -4.15 -8.49
N PRO A 116 -18.77 -4.78 -8.92
CA PRO A 116 -20.10 -4.14 -8.85
C PRO A 116 -20.48 -3.63 -7.45
N ILE A 117 -19.82 -4.12 -6.40
CA ILE A 117 -20.12 -3.64 -5.05
C ILE A 117 -19.81 -2.14 -4.90
N LEU A 118 -19.04 -1.59 -5.83
CA LEU A 118 -18.64 -0.19 -5.80
C LEU A 118 -19.64 0.75 -6.47
N ASN A 119 -20.57 0.17 -7.23
CA ASN A 119 -21.61 0.96 -7.88
C ASN A 119 -22.63 1.49 -6.88
N GLY A 120 -23.38 2.50 -7.34
CA GLY A 120 -24.46 3.08 -6.56
C GLY A 120 -24.14 3.91 -5.35
N LEU A 121 -22.90 4.37 -5.23
CA LEU A 121 -22.53 5.19 -4.10
C LEU A 121 -22.30 6.56 -4.70
N ARG A 122 -23.01 7.57 -4.23
CA ARG A 122 -22.86 8.92 -4.78
C ARG A 122 -21.45 9.50 -4.57
N ASP A 123 -20.78 9.04 -3.51
CA ASP A 123 -19.43 9.49 -3.17
C ASP A 123 -18.29 8.78 -3.91
N VAL A 124 -18.62 7.80 -4.74
CA VAL A 124 -17.63 7.09 -5.53
C VAL A 124 -17.93 7.02 -7.04
N THR A 125 -17.00 7.58 -7.80
CA THR A 125 -17.05 7.64 -9.26
C THR A 125 -16.11 6.59 -9.84
N LEU A 126 -16.64 5.72 -10.70
CA LEU A 126 -15.85 4.68 -11.34
C LEU A 126 -15.58 5.14 -12.78
N VAL A 127 -14.34 5.03 -13.23
CA VAL A 127 -13.99 5.45 -14.57
C VAL A 127 -13.25 4.31 -15.25
N THR A 128 -13.63 4.00 -16.49
CA THR A 128 -12.96 2.95 -17.26
C THR A 128 -12.13 3.66 -18.32
N ARG A 129 -10.88 3.92 -17.98
CA ARG A 129 -9.96 4.62 -18.86
C ARG A 129 -8.56 4.27 -18.49
N PHE A 130 -7.70 4.14 -19.49
CA PHE A 130 -6.30 3.92 -19.24
C PHE A 130 -5.76 5.34 -19.27
N VAL A 131 -5.23 5.75 -18.13
CA VAL A 131 -4.73 7.10 -17.99
C VAL A 131 -3.42 7.38 -18.73
N ASP A 132 -3.40 8.55 -19.36
CA ASP A 132 -2.22 9.05 -20.04
C ASP A 132 -2.08 10.43 -19.44
N GLU A 133 -0.91 11.03 -19.62
CA GLU A 133 -0.59 12.34 -19.09
C GLU A 133 -1.66 13.40 -19.46
N GLU A 134 -2.18 13.30 -20.67
CA GLU A 134 -3.21 14.22 -21.15
C GLU A 134 -4.54 14.12 -20.38
N TYR A 135 -4.92 12.89 -20.07
CA TYR A 135 -6.16 12.61 -19.35
C TYR A 135 -5.99 13.13 -17.93
N LEU A 136 -4.81 12.92 -17.35
CA LEU A 136 -4.54 13.42 -16.00
C LEU A 136 -4.82 14.92 -15.96
N ARG A 137 -4.46 15.61 -17.04
CA ARG A 137 -4.65 17.07 -17.14
C ARG A 137 -6.14 17.44 -17.09
N SER A 138 -6.95 16.70 -17.82
CA SER A 138 -8.38 16.97 -17.86
C SER A 138 -9.06 16.70 -16.52
N ILE A 139 -8.65 15.64 -15.85
CA ILE A 139 -9.25 15.30 -14.56
C ILE A 139 -8.80 16.32 -13.52
N LYS A 140 -7.58 16.82 -13.66
CA LYS A 140 -7.07 17.84 -12.75
C LYS A 140 -7.93 19.10 -12.94
N LYS A 141 -8.12 19.50 -14.20
CA LYS A 141 -8.93 20.67 -14.51
C LYS A 141 -10.34 20.46 -14.00
N GLN A 142 -10.82 19.22 -14.03
CA GLN A 142 -12.18 18.92 -13.56
C GLN A 142 -12.35 18.74 -12.04
N LEU A 143 -11.34 18.24 -11.36
CA LEU A 143 -11.44 18.09 -9.91
C LEU A 143 -11.37 19.45 -9.23
N HIS A 144 -10.61 20.34 -9.84
CA HIS A 144 -10.39 21.69 -9.35
C HIS A 144 -11.70 22.30 -8.84
N PRO A 145 -11.64 22.93 -7.65
CA PRO A 145 -10.49 23.11 -6.77
C PRO A 145 -10.30 22.17 -5.58
N SER A 146 -10.71 20.91 -5.71
CA SER A 146 -10.55 20.00 -4.57
C SER A 146 -9.11 19.53 -4.34
N LYS A 147 -8.83 19.20 -3.07
CA LYS A 147 -7.54 18.69 -2.63
C LYS A 147 -7.52 17.23 -3.03
N ILE A 148 -6.45 16.80 -3.70
CA ILE A 148 -6.32 15.44 -4.18
C ILE A 148 -5.34 14.57 -3.43
N ILE A 149 -5.76 13.35 -3.13
CA ILE A 149 -4.94 12.35 -2.45
C ILE A 149 -4.81 11.27 -3.52
N LEU A 150 -3.58 10.98 -3.93
CA LEU A 150 -3.32 9.99 -4.96
C LEU A 150 -2.90 8.65 -4.41
N ILE A 151 -3.48 7.60 -4.98
CA ILE A 151 -3.13 6.23 -4.66
C ILE A 151 -2.94 5.60 -6.02
N SER A 152 -1.77 5.00 -6.20
CA SER A 152 -1.45 4.36 -7.45
C SER A 152 -1.03 2.89 -7.28
N ASP A 153 -1.66 2.03 -8.08
CA ASP A 153 -1.33 0.63 -8.07
C ASP A 153 -1.32 0.16 -9.52
N VAL A 154 -0.96 1.03 -10.46
CA VAL A 154 -0.93 0.65 -11.87
C VAL A 154 0.04 -0.50 -12.12
N ARG A 155 -0.26 -1.34 -13.09
CA ARG A 155 0.57 -2.48 -13.45
C ARG A 155 0.55 -2.62 -14.97
N SER A 156 1.73 -2.87 -15.53
CA SER A 156 1.93 -3.03 -16.98
C SER A 156 1.42 -4.39 -17.51
N PRO A 163 6.93 -8.12 -15.23
CA PRO A 163 7.08 -7.07 -15.91
C PRO A 163 8.60 -6.93 -16.10
N SER A 164 9.03 -6.27 -17.16
CA SER A 164 10.43 -6.01 -17.39
C SER A 164 10.78 -4.77 -16.60
N THR A 165 12.09 -4.52 -16.55
CA THR A 165 12.59 -3.35 -15.91
C THR A 165 12.13 -2.16 -16.76
N ALA A 166 11.93 -2.39 -18.05
CA ALA A 166 11.45 -1.34 -18.93
C ALA A 166 9.99 -0.97 -18.62
N ASP A 167 9.20 -1.98 -18.27
CA ASP A 167 7.80 -1.77 -17.90
C ASP A 167 7.76 -0.98 -16.60
N LEU A 168 8.57 -1.40 -15.63
CA LEU A 168 8.64 -0.72 -14.34
C LEU A 168 8.97 0.77 -14.50
N LEU A 169 10.10 1.07 -15.12
CA LEU A 169 10.54 2.46 -15.33
C LEU A 169 9.44 3.34 -15.93
N SER A 170 8.72 2.77 -16.87
CA SER A 170 7.61 3.45 -17.53
C SER A 170 6.49 3.72 -16.50
N ASN A 171 6.19 2.73 -15.65
CA ASN A 171 5.16 2.84 -14.59
C ASN A 171 5.54 3.96 -13.63
N TYR A 172 6.80 3.93 -13.18
CA TYR A 172 7.37 4.90 -12.24
C TYR A 172 7.38 6.28 -12.85
N ALA A 173 7.68 6.34 -14.15
CA ALA A 173 7.70 7.59 -14.87
C ALA A 173 6.26 8.16 -14.88
N LEU A 174 5.26 7.29 -15.07
CA LEU A 174 3.85 7.73 -15.07
C LEU A 174 3.42 8.19 -13.67
N GLN A 175 3.84 7.46 -12.63
CA GLN A 175 3.51 7.84 -11.27
C GLN A 175 4.07 9.22 -10.92
N ASN A 176 5.25 9.54 -11.43
CA ASN A 176 5.82 10.85 -11.16
C ASN A 176 5.02 11.94 -11.89
N VAL A 177 4.54 11.65 -13.09
CA VAL A 177 3.73 12.61 -13.83
C VAL A 177 2.34 12.79 -13.20
N MET A 178 1.90 11.76 -12.49
CA MET A 178 0.64 11.78 -11.76
C MET A 178 0.75 12.86 -10.68
N ILE A 179 1.86 12.84 -9.96
CA ILE A 179 2.09 13.80 -8.89
C ILE A 179 2.28 15.21 -9.41
N SER A 180 2.99 15.35 -10.52
CA SER A 180 3.22 16.68 -11.07
C SER A 180 2.00 17.34 -11.66
N ILE A 181 1.13 16.55 -12.29
CA ILE A 181 -0.11 17.10 -12.86
C ILE A 181 -1.23 17.21 -11.83
N LEU A 182 -1.44 16.13 -11.07
CA LEU A 182 -2.49 16.14 -10.07
C LEU A 182 -2.11 17.00 -8.90
N ASN A 183 -0.82 17.08 -8.59
CA ASN A 183 -0.35 17.89 -7.47
C ASN A 183 -1.20 17.59 -6.21
N PRO A 184 -1.13 16.34 -5.74
CA PRO A 184 -1.87 15.87 -4.57
C PRO A 184 -1.25 16.33 -3.27
N VAL A 185 -2.03 16.28 -2.19
CA VAL A 185 -1.53 16.68 -0.88
C VAL A 185 -0.80 15.51 -0.23
N ALA A 186 -1.05 14.31 -0.75
CA ALA A 186 -0.41 13.09 -0.25
C ALA A 186 -0.51 12.03 -1.33
N SER A 187 0.32 11.00 -1.25
CA SER A 187 0.28 9.96 -2.25
C SER A 187 0.80 8.67 -1.71
N SER A 188 0.24 7.57 -2.22
CA SER A 188 0.70 6.24 -1.89
C SER A 188 1.02 5.69 -3.27
N LEU A 189 2.25 5.22 -3.45
CA LEU A 189 2.71 4.70 -4.74
C LEU A 189 3.27 3.28 -4.64
N LYS A 190 2.96 2.49 -5.65
CA LYS A 190 3.44 1.14 -5.77
C LYS A 190 4.96 1.29 -5.98
N TRP A 191 5.75 0.51 -5.26
CA TRP A 191 7.19 0.61 -5.35
C TRP A 191 7.95 -0.71 -5.19
N ARG A 192 8.52 -1.19 -6.30
CA ARG A 192 9.34 -2.40 -6.28
C ARG A 192 10.54 -2.10 -7.14
N CYS A 193 11.71 -2.10 -6.53
CA CYS A 193 12.93 -1.79 -7.26
C CYS A 193 13.29 -2.86 -8.29
N PRO A 194 13.71 -2.43 -9.50
CA PRO A 194 14.10 -3.37 -10.55
C PRO A 194 15.23 -4.23 -9.96
N PHE A 195 15.33 -5.48 -10.39
CA PHE A 195 16.39 -6.35 -9.86
C PHE A 195 17.74 -5.99 -10.43
N PRO A 196 18.79 -5.99 -9.58
CA PRO A 196 20.15 -5.64 -10.01
C PRO A 196 20.62 -6.31 -11.32
N ASP A 197 20.27 -7.58 -11.50
CA ASP A 197 20.67 -8.29 -12.71
C ASP A 197 19.89 -7.87 -13.98
N GLN A 198 18.92 -6.98 -13.81
CA GLN A 198 18.11 -6.48 -14.92
C GLN A 198 18.14 -4.96 -14.90
N TRP A 199 19.24 -4.40 -14.43
CA TRP A 199 19.34 -2.96 -14.36
C TRP A 199 19.35 -2.35 -15.77
N ILE A 200 18.75 -1.17 -15.92
CA ILE A 200 18.74 -0.49 -17.21
C ILE A 200 19.32 0.89 -17.05
N LYS A 201 18.88 1.60 -16.03
CA LYS A 201 19.38 2.93 -15.77
C LYS A 201 18.88 3.43 -14.44
N ASP A 202 19.65 4.33 -13.86
CA ASP A 202 19.33 4.95 -12.59
C ASP A 202 18.12 5.86 -12.83
N PHE A 203 17.25 6.02 -11.85
CA PHE A 203 16.10 6.89 -12.04
C PHE A 203 15.69 7.50 -10.73
N TYR A 204 14.66 8.35 -10.74
CA TYR A 204 14.19 9.02 -9.54
C TYR A 204 12.76 8.64 -9.15
N ILE A 205 12.53 8.52 -7.85
CA ILE A 205 11.20 8.22 -7.31
C ILE A 205 10.94 9.34 -6.30
N PRO A 206 9.66 9.57 -5.92
CA PRO A 206 9.43 10.64 -4.95
C PRO A 206 9.93 10.24 -3.58
N HIS A 207 10.29 11.23 -2.79
CA HIS A 207 10.73 10.93 -1.46
C HIS A 207 9.46 10.60 -0.62
N GLY A 208 9.55 9.53 0.17
CA GLY A 208 8.44 9.15 1.03
C GLY A 208 8.88 8.01 1.94
N ASN A 209 8.00 7.53 2.81
CA ASN A 209 8.34 6.42 3.70
C ASN A 209 8.11 5.14 2.92
N LYS A 210 9.04 4.20 3.03
CA LYS A 210 8.93 2.93 2.33
C LYS A 210 8.18 2.00 3.24
N MET A 211 6.86 2.05 3.18
CA MET A 211 6.02 1.21 4.02
C MET A 211 6.06 -0.27 3.60
N LEU A 212 6.42 -1.12 4.54
CA LEU A 212 6.47 -2.55 4.30
C LEU A 212 5.02 -3.10 4.34
N GLN A 213 4.79 -4.18 3.61
CA GLN A 213 3.48 -4.76 3.48
C GLN A 213 3.19 -6.14 4.04
N PRO A 214 2.44 -6.24 5.16
CA PRO A 214 2.16 -7.61 5.64
C PRO A 214 1.24 -8.27 4.57
N PHE A 215 1.33 -9.59 4.45
CA PHE A 215 0.55 -10.36 3.49
C PHE A 215 0.89 -10.10 2.04
N ALA A 216 2.09 -9.57 1.80
CA ALA A 216 2.61 -9.38 0.45
C ALA A 216 2.93 -10.82 0.01
N PRO A 217 3.12 -11.06 -1.31
CA PRO A 217 3.44 -12.45 -1.67
C PRO A 217 4.72 -12.88 -0.91
N SER A 218 4.84 -14.16 -0.63
CA SER A 218 5.96 -14.73 0.10
C SER A 218 7.36 -14.13 -0.13
N TYR A 219 7.74 -13.94 -1.39
CA TYR A 219 9.04 -13.40 -1.72
C TYR A 219 9.01 -12.07 -2.43
N SER A 220 7.92 -11.34 -2.27
CA SER A 220 7.79 -10.03 -2.90
C SER A 220 8.76 -8.97 -2.32
N ALA A 221 9.30 -8.13 -3.21
CA ALA A 221 10.20 -7.05 -2.82
C ALA A 221 9.43 -5.73 -2.93
N GLU A 222 8.10 -5.83 -3.05
CA GLU A 222 7.23 -4.64 -3.17
C GLU A 222 6.83 -4.01 -1.83
N MET A 223 6.80 -2.69 -1.82
CA MET A 223 6.42 -1.91 -0.66
C MET A 223 5.64 -0.76 -1.25
N ARG A 224 5.17 0.15 -0.40
CA ARG A 224 4.41 1.30 -0.89
C ARG A 224 5.13 2.56 -0.43
N LEU A 225 5.20 3.54 -1.33
CA LEU A 225 5.87 4.80 -1.04
C LEU A 225 4.82 5.81 -0.61
N LEU A 226 4.88 6.22 0.66
CA LEU A 226 3.93 7.16 1.27
C LEU A 226 4.53 8.54 1.40
N SER A 227 3.88 9.55 0.81
CA SER A 227 4.38 10.91 0.85
C SER A 227 3.29 11.94 1.12
N ILE A 228 3.66 13.01 1.83
CA ILE A 228 2.75 14.11 2.13
C ILE A 228 3.45 15.34 1.61
N TYR A 229 2.78 16.08 0.74
CA TYR A 229 3.35 17.25 0.14
C TYR A 229 3.12 18.59 0.80
N THR A 230 4.17 19.08 1.44
CA THR A 230 4.18 20.37 2.13
C THR A 230 4.76 21.39 1.16
N GLY A 231 4.36 22.64 1.28
CA GLY A 231 4.87 23.67 0.39
C GLY A 231 4.55 23.37 -1.07
N GLU A 232 5.30 23.99 -1.97
CA GLU A 232 5.09 23.79 -3.40
C GLU A 232 6.26 22.99 -3.98
N ASN A 233 7.04 22.43 -3.07
CA ASN A 233 8.22 21.65 -3.44
C ASN A 233 7.89 20.19 -3.64
N MET A 234 8.72 19.53 -4.44
CA MET A 234 8.57 18.13 -4.73
C MET A 234 9.99 17.58 -4.64
N ARG A 235 10.25 16.72 -3.66
CA ARG A 235 11.57 16.13 -3.52
C ARG A 235 11.61 14.71 -4.08
N LEU A 236 12.62 14.44 -4.89
CA LEU A 236 12.81 13.13 -5.49
C LEU A 236 14.08 12.52 -4.91
N THR A 237 14.35 11.28 -5.25
CA THR A 237 15.57 10.59 -4.82
C THR A 237 16.00 9.62 -5.91
N ARG A 238 17.29 9.66 -6.23
CA ARG A 238 17.87 8.80 -7.26
C ARG A 238 17.98 7.36 -6.76
N VAL A 239 17.72 6.40 -7.67
CA VAL A 239 17.83 4.99 -7.36
C VAL A 239 18.81 4.39 -8.35
N THR A 240 19.85 3.78 -7.80
CA THR A 240 20.93 3.20 -8.57
C THR A 240 20.95 1.69 -8.44
N LYS A 241 21.85 1.07 -9.20
CA LYS A 241 21.97 -0.38 -9.16
C LYS A 241 22.46 -0.86 -7.79
N SER A 242 23.27 -0.05 -7.12
CA SER A 242 23.75 -0.45 -5.81
C SER A 242 22.54 -0.47 -4.85
N ASP A 243 21.61 0.45 -5.06
CA ASP A 243 20.39 0.52 -4.27
C ASP A 243 19.60 -0.74 -4.60
N ALA A 244 19.56 -1.08 -5.89
CA ALA A 244 18.85 -2.29 -6.32
C ALA A 244 19.39 -3.55 -5.65
N VAL A 245 20.70 -3.61 -5.41
CA VAL A 245 21.30 -4.79 -4.77
C VAL A 245 20.89 -4.87 -3.30
N ASN A 246 20.85 -3.70 -2.68
CA ASN A 246 20.48 -3.59 -1.30
C ASN A 246 19.01 -4.02 -1.09
N TYR A 247 18.12 -3.46 -1.92
CA TYR A 247 16.68 -3.76 -1.90
C TYR A 247 16.43 -5.25 -1.96
N GLU A 248 17.12 -5.90 -2.89
CA GLU A 248 17.06 -7.34 -3.09
C GLU A 248 17.49 -8.15 -1.89
N LYS A 249 18.58 -7.72 -1.26
CA LYS A 249 19.12 -8.43 -0.11
C LYS A 249 18.36 -8.21 1.19
N LYS A 250 17.92 -6.97 1.43
CA LYS A 250 17.16 -6.67 2.65
C LYS A 250 15.77 -7.36 2.55
N MET A 251 15.11 -7.23 1.41
CA MET A 251 13.80 -7.85 1.22
C MET A 251 13.90 -9.37 1.27
N TYR A 252 14.95 -9.95 0.68
CA TYR A 252 15.10 -11.39 0.73
C TYR A 252 15.29 -11.87 2.17
N TYR A 253 16.01 -11.09 2.96
CA TYR A 253 16.21 -11.46 4.36
C TYR A 253 14.86 -11.38 5.11
N LEU A 254 14.11 -10.30 4.89
CA LEU A 254 12.81 -10.12 5.51
C LEU A 254 11.87 -11.29 5.16
N ASN A 255 11.77 -11.61 3.87
CA ASN A 255 10.90 -12.67 3.37
C ASN A 255 11.27 -14.06 3.81
N LYS A 256 12.51 -14.43 3.60
CA LYS A 256 12.98 -15.75 3.95
C LYS A 256 13.06 -16.02 5.45
N ILE A 257 13.53 -15.02 6.19
CA ILE A 257 13.75 -15.19 7.62
C ILE A 257 12.66 -14.66 8.54
N VAL A 258 12.52 -13.34 8.56
CA VAL A 258 11.59 -12.65 9.43
C VAL A 258 10.15 -13.09 9.28
N ARG A 259 9.61 -12.94 8.08
CA ARG A 259 8.23 -13.28 7.82
C ARG A 259 7.90 -14.72 8.10
N ASN A 260 8.92 -15.54 8.35
CA ASN A 260 8.69 -16.93 8.67
C ASN A 260 8.78 -17.19 10.19
N LYS A 261 8.76 -16.15 11.00
CA LYS A 261 8.84 -16.28 12.44
C LYS A 261 7.49 -16.31 13.15
N VAL A 262 7.45 -17.08 14.24
CA VAL A 262 6.27 -17.18 15.10
C VAL A 262 6.67 -16.40 16.34
N VAL A 263 6.15 -15.19 16.45
CA VAL A 263 6.39 -14.28 17.56
C VAL A 263 5.65 -14.77 18.83
N VAL A 264 6.27 -15.68 19.58
CA VAL A 264 5.68 -16.26 20.79
C VAL A 264 5.33 -15.32 21.93
N ASN A 265 5.96 -14.16 21.98
CA ASN A 265 5.64 -13.21 23.04
C ASN A 265 4.50 -12.28 22.55
N PHE A 266 3.79 -12.69 21.50
CA PHE A 266 2.67 -11.95 20.92
C PHE A 266 1.44 -12.77 21.28
N ASP A 267 0.75 -12.32 22.30
CA ASP A 267 -0.45 -13.00 22.73
C ASP A 267 -1.52 -12.45 21.82
N TYR A 268 -1.91 -13.28 20.88
CA TYR A 268 -2.90 -12.90 19.91
C TYR A 268 -3.31 -14.22 19.30
N PRO A 269 -4.55 -14.32 18.83
CA PRO A 269 -5.07 -15.54 18.21
C PRO A 269 -4.10 -16.18 17.18
N ASN A 270 -3.36 -15.33 16.47
CA ASN A 270 -2.38 -15.81 15.50
C ASN A 270 -1.10 -15.05 15.78
N GLN A 271 -0.03 -15.80 15.94
CA GLN A 271 1.25 -15.21 16.28
C GLN A 271 2.24 -15.05 15.14
N GLU A 272 1.90 -15.58 13.97
CA GLU A 272 2.77 -15.46 12.80
C GLU A 272 3.19 -14.01 12.58
N TYR A 273 4.40 -13.80 12.09
CA TYR A 273 4.90 -12.46 11.85
C TYR A 273 3.93 -11.51 11.15
N ASP A 274 3.35 -11.90 10.02
CA ASP A 274 2.40 -11.03 9.26
C ASP A 274 1.21 -10.51 10.09
N TYR A 275 0.73 -11.30 11.07
CA TYR A 275 -0.36 -10.90 11.97
C TYR A 275 0.20 -9.94 13.02
N PHE A 276 1.43 -10.17 13.44
CA PHE A 276 2.13 -9.32 14.39
C PHE A 276 2.34 -7.98 13.70
N HIS A 277 2.72 -8.02 12.43
CA HIS A 277 2.95 -6.81 11.64
C HIS A 277 1.59 -6.13 11.34
N MET A 278 0.56 -6.92 11.02
CA MET A 278 -0.77 -6.37 10.76
C MET A 278 -1.29 -5.64 12.00
N TYR A 279 -1.02 -6.20 13.18
CA TYR A 279 -1.43 -5.62 14.45
C TYR A 279 -0.94 -4.19 14.61
N PHE A 280 0.32 -3.94 14.26
CA PHE A 280 0.87 -2.59 14.38
C PHE A 280 0.30 -1.59 13.40
N MET A 281 -0.22 -2.05 12.27
CA MET A 281 -0.84 -1.12 11.33
C MET A 281 -2.26 -0.83 11.83
N LEU A 282 -2.97 -1.89 12.17
CA LEU A 282 -4.35 -1.78 12.65
C LEU A 282 -4.52 -1.00 13.97
N ARG A 283 -3.50 -1.01 14.82
CA ARG A 283 -3.59 -0.27 16.07
C ARG A 283 -3.65 1.24 15.82
N THR A 284 -3.29 1.68 14.62
CA THR A 284 -3.31 3.12 14.31
C THR A 284 -4.65 3.63 13.71
N VAL A 285 -5.54 2.68 13.41
CA VAL A 285 -6.85 2.93 12.82
C VAL A 285 -7.89 3.43 13.85
N TYR A 286 -8.69 4.42 13.46
CA TYR A 286 -9.73 5.01 14.31
C TYR A 286 -11.05 4.27 14.17
N CYS A 287 -11.74 4.10 15.28
CA CYS A 287 -13.04 3.42 15.31
C CYS A 287 -14.05 4.25 16.08
N ASN A 288 -15.34 3.99 15.81
CA ASN A 288 -16.43 4.67 16.51
C ASN A 288 -16.56 4.03 17.89
N LYS A 289 -16.53 2.70 17.88
CA LYS A 289 -16.63 1.89 19.08
C LYS A 289 -15.41 2.12 19.96
N THR A 290 -15.65 2.15 21.27
CA THR A 290 -14.60 2.34 22.27
C THR A 290 -14.28 0.97 22.79
N PHE A 291 -12.99 0.68 22.86
CA PHE A 291 -12.48 -0.60 23.31
C PHE A 291 -11.65 -0.41 24.58
N PRO A 292 -11.62 -1.44 25.44
CA PRO A 292 -10.88 -1.43 26.71
C PRO A 292 -9.37 -1.61 26.51
N THR A 293 -8.98 -2.14 25.35
CA THR A 293 -7.58 -2.38 25.04
C THR A 293 -7.34 -2.28 23.55
N THR A 294 -6.08 -2.01 23.19
CA THR A 294 -5.73 -1.94 21.79
C THR A 294 -5.93 -3.34 21.20
N LYS A 295 -5.63 -4.37 21.97
CA LYS A 295 -5.79 -5.73 21.49
C LYS A 295 -7.24 -6.02 21.05
N ALA A 296 -8.20 -5.48 21.81
CA ALA A 296 -9.62 -5.65 21.48
C ALA A 296 -10.00 -4.89 20.20
N LYS A 297 -9.46 -3.68 20.02
CA LYS A 297 -9.79 -2.95 18.82
C LYS A 297 -9.26 -3.68 17.57
N VAL A 298 -8.01 -4.13 17.65
CA VAL A 298 -7.35 -4.83 16.55
C VAL A 298 -8.06 -6.13 16.20
N LEU A 299 -8.34 -6.95 17.18
CA LEU A 299 -9.05 -8.20 16.92
C LEU A 299 -10.34 -7.87 16.19
N PHE A 300 -11.00 -6.80 16.64
CA PHE A 300 -12.24 -6.38 16.04
C PHE A 300 -12.02 -5.97 14.60
N LEU A 301 -11.05 -5.09 14.36
CA LEU A 301 -10.76 -4.65 13.00
C LEU A 301 -10.37 -5.81 12.07
N GLN A 302 -9.59 -6.76 12.59
CA GLN A 302 -9.16 -7.89 11.80
C GLN A 302 -10.32 -8.82 11.48
N GLN A 303 -11.13 -9.14 12.49
CA GLN A 303 -12.30 -10.01 12.28
C GLN A 303 -13.16 -9.39 11.17
N SER A 304 -13.40 -8.09 11.33
CA SER A 304 -14.19 -7.30 10.42
C SER A 304 -13.64 -7.36 8.99
N ILE A 305 -12.34 -7.13 8.86
CA ILE A 305 -11.67 -7.14 7.57
C ILE A 305 -11.72 -8.51 6.94
N PHE A 306 -11.42 -9.55 7.72
CA PHE A 306 -11.45 -10.91 7.19
C PHE A 306 -12.88 -11.30 6.79
N ARG A 307 -13.88 -10.95 7.60
CA ARG A 307 -15.24 -11.30 7.23
C ARG A 307 -15.61 -10.63 5.91
N PHE A 308 -15.30 -9.35 5.78
CA PHE A 308 -15.60 -8.62 4.56
C PHE A 308 -14.98 -9.28 3.34
N LEU A 309 -13.72 -9.66 3.45
CA LEU A 309 -13.03 -10.26 2.32
C LEU A 309 -13.29 -11.74 2.13
N ASN A 310 -14.08 -12.34 3.02
CA ASN A 310 -14.45 -13.74 2.93
C ASN A 310 -13.20 -14.62 3.17
N ILE A 311 -12.36 -14.17 4.08
CA ILE A 311 -11.15 -14.92 4.43
C ILE A 311 -11.48 -15.63 5.75
N PRO A 312 -11.37 -16.95 5.76
CA PRO A 312 -11.66 -17.76 6.96
C PRO A 312 -10.90 -17.36 8.22
N SAH B . -5.38 -1.81 -7.06
CA SAH B . -6.24 -2.89 -7.53
CB SAH B . -5.38 -3.96 -8.22
CG SAH B . -4.57 -3.31 -9.35
SD SAH B . -3.82 -4.39 -10.57
C SAH B . -7.17 -3.48 -6.46
O SAH B . -7.61 -2.65 -5.62
OXT SAH B . -7.83 -4.51 -6.75
C5' SAH B . -3.07 -3.13 -11.59
C4' SAH B . -4.07 -2.37 -12.39
O4' SAH B . -3.35 -1.26 -13.03
C3' SAH B . -4.86 -3.21 -13.51
O3' SAH B . -6.29 -3.31 -13.21
C2' SAH B . -4.57 -2.35 -14.78
O2' SAH B . -5.64 -2.23 -15.75
C1' SAH B . -4.19 -0.99 -14.13
N9 SAH B . -3.52 0.00 -14.97
C8 SAH B . -2.46 -0.19 -15.86
N7 SAH B . -2.23 0.90 -16.55
C5 SAH B . -3.18 1.85 -16.08
C6 SAH B . -3.53 3.13 -16.53
N6 SAH B . -2.76 3.85 -17.36
N1 SAH B . -4.71 3.62 -16.09
C2 SAH B . -5.45 2.91 -15.28
N3 SAH B . -5.16 1.79 -14.67
C4 SAH B . -3.99 1.30 -15.14
PA M7G C . 8.01 -11.36 -8.43
O1A M7G C . 9.34 -10.78 -8.11
O2A M7G C . 7.09 -11.65 -7.30
O3A M7G C . 7.26 -10.52 -9.58
O5' M7G C . 8.29 -12.77 -9.17
PB M7G C . 6.74 -9.01 -9.43
O1B M7G C . 5.42 -9.09 -8.53
O2B M7G C . 6.32 -8.55 -10.79
O3B M7G C . 7.75 -8.23 -8.70
C5' M7G C . 8.56 -12.86 -10.58
C4' M7G C . 10.03 -13.11 -10.92
O4' M7G C . 10.85 -12.11 -10.33
C3' M7G C . 10.52 -14.41 -10.31
O3' M7G C . 10.18 -15.53 -11.15
C2' M7G C . 12.03 -14.22 -10.28
O2' M7G C . 12.66 -14.60 -11.51
C1' M7G C . 12.16 -12.69 -10.16
N9 M7G C . 12.64 -12.26 -8.84
C8 M7G C . 11.91 -12.13 -7.70
N7 M7G C . 12.56 -11.61 -6.71
CM7 M7G C . 11.99 -11.34 -5.40
C5 M7G C . 13.83 -11.39 -7.22
C6 M7G C . 14.96 -10.86 -6.59
O6 M7G C . 15.05 -10.45 -5.44
N1 M7G C . 16.05 -10.80 -7.44
C2 M7G C . 16.06 -11.21 -8.76
N2 M7G C . 17.21 -11.08 -9.42
N3 M7G C . 14.98 -11.72 -9.36
C4 M7G C . 13.90 -11.78 -8.53
#